data_7F0F
#
_entry.id   7F0F
#
_cell.length_a   92.101
_cell.length_b   92.101
_cell.length_c   119.006
_cell.angle_alpha   90.000
_cell.angle_beta   90.000
_cell.angle_gamma   90.000
#
_symmetry.space_group_name_H-M   'P 42 2 2'
#
loop_
_entity.id
_entity.type
_entity.pdbx_description
1 polymer 'Capreomycin phosphotransferase'
2 polymer DPP-ALA-DPP-UAL-MYN-KBE
3 water water
#
loop_
_entity_poly.entity_id
_entity_poly.type
_entity_poly.pdbx_seq_one_letter_code
_entity_poly.pdbx_strand_id
1 'polypeptide(L)'
;MTLSHLVDVVRRAHPDVDLEGAGVHSGQFHDVLIARDRVFRFPKTAGAAAELPGRVAVLTAVDAVELGVGVPVPLSEVRD
GGPHGFLVLSRLHGTPLERGDATSPEVIDVVAAEFARVLRAMAGADVEKLRLVLPVADAGRWRGFAGRVRATLFPLMSED
GRARAERELAAAVAMDHVATGLVHGDLGGENVLWQQVEELPRLTGIVDWDEAKVGDPAEDLAAVGASYGPELVERVVALL
GAGDLWPRIRAYQGTFALQQALAGAEDGDDEELEDGLTAYRKLAAALEHHHHHH
;
A
2 'polypeptide(L)' (KBE)(DPP)(UAL)(MYN)(DPP)A C
#
# COMPACT_ATOMS: atom_id res chain seq x y z
N THR A 2 9.69 14.41 21.12
CA THR A 2 10.29 15.72 21.56
C THR A 2 10.58 16.56 20.29
N LEU A 3 9.51 16.93 19.57
CA LEU A 3 9.57 17.39 18.16
C LEU A 3 10.47 18.61 18.10
N SER A 4 10.66 19.28 19.26
CA SER A 4 11.56 20.45 19.37
C SER A 4 12.99 20.02 18.99
N HIS A 5 13.48 18.97 19.65
CA HIS A 5 14.81 18.33 19.38
C HIS A 5 14.91 18.01 17.86
N LEU A 6 13.99 17.15 17.36
CA LEU A 6 13.90 16.69 15.94
C LEU A 6 13.96 17.87 14.98
N VAL A 7 13.15 18.90 15.27
CA VAL A 7 13.16 20.14 14.46
C VAL A 7 14.57 20.74 14.45
N ASP A 8 15.22 20.79 15.61
CA ASP A 8 16.63 21.29 15.69
C ASP A 8 17.55 20.35 14.92
N VAL A 9 17.31 19.04 15.02
CA VAL A 9 18.12 18.06 14.24
C VAL A 9 17.96 18.37 12.76
N VAL A 10 16.74 18.66 12.30
CA VAL A 10 16.50 18.98 10.86
C VAL A 10 17.10 20.34 10.46
N ARG A 11 16.86 21.39 11.24
CA ARG A 11 17.43 22.76 11.01
C ARG A 11 18.97 22.62 10.85
N ARG A 12 19.62 21.88 11.76
CA ARG A 12 21.10 21.72 11.80
C ARG A 12 21.57 20.99 10.55
N ALA A 13 20.88 19.90 10.18
CA ALA A 13 21.29 19.05 9.05
C ALA A 13 20.68 19.60 7.75
N HIS A 14 19.57 20.34 7.77
CA HIS A 14 18.93 20.89 6.53
C HIS A 14 18.40 22.29 6.81
N PRO A 15 19.28 23.33 6.74
CA PRO A 15 18.97 24.66 7.28
C PRO A 15 17.74 25.34 6.66
N ASP A 16 17.61 25.22 5.34
CA ASP A 16 16.57 25.83 4.47
C ASP A 16 15.24 25.06 4.48
N VAL A 17 15.05 24.05 5.33
CA VAL A 17 13.75 23.34 5.38
C VAL A 17 12.80 24.16 6.27
N ASP A 18 11.66 24.62 5.72
CA ASP A 18 10.69 25.34 6.56
C ASP A 18 9.78 24.30 7.22
N LEU A 19 9.92 24.15 8.54
CA LEU A 19 9.03 23.29 9.35
C LEU A 19 7.79 24.07 9.82
N GLU A 20 7.70 25.38 9.57
CA GLU A 20 6.41 26.11 9.80
C GLU A 20 5.38 25.62 8.76
N GLY A 21 4.24 25.11 9.25
CA GLY A 21 3.16 24.49 8.46
C GLY A 21 3.59 23.19 7.82
N ALA A 22 4.24 22.32 8.60
CA ALA A 22 4.75 21.02 8.13
C ALA A 22 3.94 19.91 8.77
N GLY A 23 3.56 18.90 7.99
CA GLY A 23 2.90 17.67 8.50
C GLY A 23 3.67 17.10 9.66
N VAL A 24 2.95 16.49 10.58
CA VAL A 24 3.55 15.55 11.54
C VAL A 24 2.66 14.32 11.46
N HIS A 25 3.26 13.17 11.15
CA HIS A 25 2.71 11.83 11.49
C HIS A 25 3.56 11.40 12.67
N SER A 26 2.95 10.92 13.74
CA SER A 26 3.66 10.39 14.94
C SER A 26 3.06 9.02 15.28
N GLY A 27 3.77 8.23 16.10
CA GLY A 27 3.43 6.82 16.38
C GLY A 27 4.24 6.31 17.56
N GLN A 28 4.01 5.07 17.99
CA GLN A 28 4.89 4.40 18.99
C GLN A 28 6.24 4.15 18.32
N PHE A 29 6.23 4.12 16.98
CA PHE A 29 7.25 3.51 16.08
C PHE A 29 8.32 4.56 15.67
N HIS A 30 7.88 5.72 15.20
CA HIS A 30 8.74 6.78 14.60
C HIS A 30 7.94 8.08 14.46
N ASP A 31 8.63 9.22 14.33
CA ASP A 31 8.02 10.52 13.92
C ASP A 31 8.42 10.82 12.48
N VAL A 32 7.55 11.53 11.76
CA VAL A 32 7.76 11.93 10.34
C VAL A 32 7.44 13.41 10.18
N LEU A 33 8.38 14.23 9.72
CA LEU A 33 8.15 15.65 9.43
C LEU A 33 8.00 15.71 7.92
N ILE A 34 6.84 16.16 7.47
CA ILE A 34 6.48 16.30 6.04
C ILE A 34 6.68 17.78 5.76
N ALA A 35 7.67 18.13 4.97
CA ALA A 35 7.90 19.51 4.51
C ALA A 35 7.43 19.52 3.06
N ARG A 36 7.74 20.57 2.29
CA ARG A 36 7.22 20.83 0.92
C ARG A 36 7.65 19.72 -0.04
N ASP A 37 8.96 19.56 -0.15
CA ASP A 37 9.60 18.67 -1.14
C ASP A 37 10.24 17.45 -0.46
N ARG A 38 10.17 17.33 0.86
CA ARG A 38 11.01 16.36 1.62
C ARG A 38 10.21 15.83 2.80
N VAL A 39 10.43 14.56 3.08
CA VAL A 39 9.90 13.82 4.25
C VAL A 39 11.11 13.42 5.11
N PHE A 40 11.09 13.70 6.41
CA PHE A 40 12.12 13.29 7.40
C PHE A 40 11.51 12.20 8.27
N ARG A 41 12.07 11.00 8.27
CA ARG A 41 11.59 9.94 9.19
C ARG A 41 12.64 9.74 10.30
N PHE A 42 12.18 9.71 11.55
CA PHE A 42 13.01 9.59 12.78
C PHE A 42 12.50 8.42 13.59
N PRO A 43 13.14 7.23 13.59
CA PRO A 43 12.73 6.15 14.48
C PRO A 43 12.89 6.54 15.96
N LYS A 44 12.05 5.95 16.83
CA LYS A 44 11.97 6.22 18.29
C LYS A 44 12.76 5.18 19.08
N THR A 45 12.98 3.95 18.57
CA THR A 45 13.74 2.85 19.24
C THR A 45 15.03 2.56 18.46
N ALA A 46 15.98 1.86 19.08
CA ALA A 46 17.19 1.35 18.39
C ALA A 46 16.85 0.17 17.46
N GLY A 47 15.71 -0.51 17.66
CA GLY A 47 15.22 -1.67 16.87
C GLY A 47 14.47 -1.21 15.62
N ALA A 48 13.58 -0.22 15.79
CA ALA A 48 12.90 0.55 14.72
C ALA A 48 13.91 1.20 13.78
N ALA A 49 15.16 1.35 14.20
CA ALA A 49 16.22 2.02 13.41
C ALA A 49 16.46 1.23 12.13
N ALA A 50 16.43 -0.11 12.17
CA ALA A 50 16.59 -1.00 10.99
C ALA A 50 15.51 -0.72 9.93
N GLU A 51 14.39 -0.08 10.28
CA GLU A 51 13.41 0.32 9.24
C GLU A 51 14.09 1.25 8.24
N LEU A 52 15.12 2.01 8.59
CA LEU A 52 15.62 3.03 7.64
C LEU A 52 16.33 2.38 6.45
N PRO A 53 17.33 1.49 6.63
CA PRO A 53 17.93 0.76 5.51
C PRO A 53 16.92 -0.15 4.77
N GLY A 54 15.94 -0.66 5.50
CA GLY A 54 14.77 -1.40 4.97
C GLY A 54 14.09 -0.59 3.89
N ARG A 55 13.73 0.65 4.20
CA ARG A 55 12.96 1.54 3.33
C ARG A 55 13.82 1.89 2.15
N VAL A 56 15.09 2.18 2.41
CA VAL A 56 16.03 2.49 1.31
C VAL A 56 16.09 1.28 0.37
N ALA A 57 16.21 0.09 0.88
CA ALA A 57 16.44 -1.12 0.06
C ALA A 57 15.15 -1.41 -0.76
N VAL A 58 13.99 -1.27 -0.15
CA VAL A 58 12.72 -1.49 -0.89
C VAL A 58 12.60 -0.45 -2.00
N LEU A 59 12.69 0.81 -1.64
CA LEU A 59 12.49 1.89 -2.61
C LEU A 59 13.53 1.83 -3.73
N THR A 60 14.79 1.51 -3.43
CA THR A 60 15.84 1.33 -4.45
C THR A 60 15.49 0.16 -5.40
N ALA A 61 15.10 -0.97 -4.85
CA ALA A 61 14.70 -2.16 -5.63
C ALA A 61 13.50 -1.82 -6.52
N VAL A 62 12.49 -1.13 -5.99
CA VAL A 62 11.29 -0.75 -6.78
C VAL A 62 11.72 0.22 -7.88
N ASP A 63 12.56 1.18 -7.55
CA ASP A 63 12.95 2.20 -8.54
C ASP A 63 13.71 1.51 -9.67
N ALA A 64 14.51 0.50 -9.36
CA ALA A 64 15.33 -0.23 -10.37
C ALA A 64 14.45 -1.02 -11.35
N VAL A 65 13.21 -1.37 -11.01
CA VAL A 65 12.29 -2.09 -11.94
C VAL A 65 11.93 -1.18 -13.13
N GLU A 66 11.94 0.16 -12.94
CA GLU A 66 11.54 1.17 -13.97
C GLU A 66 10.06 1.04 -14.30
N LEU A 67 9.23 1.52 -13.38
CA LEU A 67 7.76 1.43 -13.49
C LEU A 67 7.25 2.44 -14.53
N GLY A 68 8.02 3.49 -14.80
CA GLY A 68 7.61 4.65 -15.63
C GLY A 68 6.78 5.66 -14.86
N VAL A 69 6.80 5.61 -13.53
CA VAL A 69 6.11 6.59 -12.66
C VAL A 69 7.05 6.79 -11.47
N GLY A 70 6.91 7.91 -10.77
CA GLY A 70 7.77 8.16 -9.61
C GLY A 70 7.45 7.24 -8.45
N VAL A 71 8.46 6.96 -7.66
CA VAL A 71 8.34 6.41 -6.30
C VAL A 71 9.22 7.24 -5.38
N PRO A 72 8.96 7.28 -4.06
CA PRO A 72 9.76 8.10 -3.15
C PRO A 72 11.22 7.67 -3.28
N VAL A 73 12.12 8.64 -3.32
CA VAL A 73 13.58 8.48 -3.56
C VAL A 73 14.25 8.88 -2.24
N PRO A 74 15.16 8.07 -1.69
CA PRO A 74 16.04 8.56 -0.62
C PRO A 74 16.80 9.79 -1.13
N LEU A 75 16.64 10.96 -0.52
CA LEU A 75 17.37 12.19 -0.94
C LEU A 75 18.68 12.31 -0.18
N SER A 76 18.84 11.52 0.90
CA SER A 76 20.02 11.53 1.79
C SER A 76 20.40 10.08 1.93
N GLU A 77 21.64 9.79 2.29
CA GLU A 77 22.03 8.50 2.95
C GLU A 77 21.22 8.41 4.26
N VAL A 78 21.02 7.24 4.80
CA VAL A 78 20.53 7.11 6.19
C VAL A 78 21.58 7.78 7.08
N ARG A 79 21.16 8.54 8.08
CA ARG A 79 22.13 9.27 8.95
C ARG A 79 21.95 8.75 10.37
N ASP A 80 23.03 8.63 11.18
CA ASP A 80 22.93 8.18 12.61
C ASP A 80 22.79 9.40 13.56
N GLY A 81 22.41 10.54 13.03
CA GLY A 81 21.93 11.70 13.82
C GLY A 81 20.54 11.46 14.38
N GLY A 82 20.02 12.43 15.13
CA GLY A 82 18.82 12.26 15.96
C GLY A 82 18.98 11.10 16.93
N PRO A 83 17.92 10.77 17.68
CA PRO A 83 17.97 9.70 18.68
C PRO A 83 18.35 8.32 18.12
N HIS A 84 17.78 7.94 16.97
CA HIS A 84 17.94 6.58 16.42
C HIS A 84 18.11 6.66 14.91
N GLY A 85 18.63 7.78 14.42
CA GLY A 85 18.84 7.96 12.98
C GLY A 85 17.70 8.71 12.33
N PHE A 86 17.94 9.15 11.11
CA PHE A 86 16.88 9.69 10.25
C PHE A 86 17.20 9.39 8.78
N LEU A 87 16.13 9.45 7.97
CA LEU A 87 16.14 9.35 6.48
C LEU A 87 15.29 10.46 5.86
N VAL A 88 15.82 11.10 4.85
CA VAL A 88 15.15 12.14 4.03
C VAL A 88 14.74 11.45 2.72
N LEU A 89 13.46 11.46 2.42
CA LEU A 89 12.87 10.93 1.16
C LEU A 89 12.26 12.11 0.40
N SER A 90 12.22 12.05 -0.94
CA SER A 90 11.39 12.98 -1.76
C SER A 90 9.92 12.87 -1.36
N ARG A 91 9.19 13.97 -1.47
CA ARG A 91 7.72 14.03 -1.51
C ARG A 91 7.27 14.02 -2.98
N LEU A 92 6.37 13.13 -3.36
CA LEU A 92 5.82 13.12 -4.73
C LEU A 92 4.61 14.05 -4.75
N HIS A 93 4.41 14.74 -5.85
CA HIS A 93 3.29 15.70 -6.03
C HIS A 93 2.12 14.95 -6.70
N GLY A 94 0.92 15.50 -6.59
CA GLY A 94 -0.26 14.91 -7.24
C GLY A 94 -1.25 14.47 -6.19
N THR A 95 -2.40 14.01 -6.64
CA THR A 95 -3.63 13.80 -5.86
C THR A 95 -4.20 12.46 -6.29
N PRO A 96 -4.74 11.66 -5.35
CA PRO A 96 -5.51 10.49 -5.72
C PRO A 96 -6.61 10.94 -6.66
N LEU A 97 -6.94 10.09 -7.63
CA LEU A 97 -8.11 10.23 -8.55
C LEU A 97 -9.37 9.88 -7.78
N GLU A 98 -10.24 10.86 -7.59
CA GLU A 98 -11.62 10.65 -7.12
C GLU A 98 -12.24 9.58 -8.00
N ARG A 99 -13.12 8.75 -7.47
CA ARG A 99 -13.71 7.60 -8.21
C ARG A 99 -14.59 8.11 -9.37
N GLY A 100 -15.35 9.17 -9.15
CA GLY A 100 -16.16 9.80 -10.21
C GLY A 100 -15.30 10.28 -11.39
N ASP A 101 -14.13 10.85 -11.11
CA ASP A 101 -13.22 11.35 -12.17
C ASP A 101 -12.61 10.17 -12.94
N ALA A 102 -12.08 9.15 -12.24
CA ALA A 102 -11.39 7.98 -12.84
C ALA A 102 -12.26 7.35 -13.93
N THR A 103 -13.55 7.45 -13.80
CA THR A 103 -14.49 6.57 -14.54
C THR A 103 -15.23 7.33 -15.67
N SER A 104 -15.20 8.68 -15.72
CA SER A 104 -15.73 9.45 -16.88
C SER A 104 -15.32 8.77 -18.16
N PRO A 105 -16.24 8.63 -19.14
CA PRO A 105 -15.93 8.07 -20.46
C PRO A 105 -14.76 8.67 -21.24
N GLU A 106 -14.51 9.98 -21.05
CA GLU A 106 -13.42 10.63 -21.81
C GLU A 106 -12.06 10.34 -21.18
N VAL A 107 -11.97 9.82 -19.95
CA VAL A 107 -10.64 9.54 -19.28
C VAL A 107 -10.44 8.05 -18.91
N ILE A 108 -11.51 7.28 -18.77
CA ILE A 108 -11.44 5.87 -18.24
C ILE A 108 -10.45 5.06 -19.05
N ASP A 109 -10.34 5.21 -20.38
CA ASP A 109 -9.33 4.46 -21.14
C ASP A 109 -7.91 4.91 -20.71
N VAL A 110 -7.69 6.19 -20.52
CA VAL A 110 -6.37 6.75 -20.14
C VAL A 110 -6.03 6.23 -18.72
N VAL A 111 -6.98 6.23 -17.80
CA VAL A 111 -6.76 5.78 -16.40
C VAL A 111 -6.40 4.29 -16.44
N ALA A 112 -7.11 3.51 -17.26
CA ALA A 112 -6.89 2.06 -17.41
C ALA A 112 -5.47 1.85 -17.89
N ALA A 113 -5.01 2.60 -18.92
CA ALA A 113 -3.65 2.34 -19.47
C ALA A 113 -2.59 2.82 -18.45
N GLU A 114 -2.83 3.89 -17.72
CA GLU A 114 -1.84 4.32 -16.67
C GLU A 114 -1.63 3.19 -15.64
N PHE A 115 -2.70 2.58 -15.14
CA PHE A 115 -2.64 1.39 -14.25
C PHE A 115 -1.96 0.25 -14.99
N ALA A 116 -2.35 -0.01 -16.25
CA ALA A 116 -1.80 -1.17 -16.98
C ALA A 116 -0.31 -0.99 -17.16
N ARG A 117 0.14 0.17 -17.59
CA ARG A 117 1.58 0.22 -17.93
C ARG A 117 2.40 0.02 -16.63
N VAL A 118 1.93 0.52 -15.51
CA VAL A 118 2.67 0.29 -14.20
C VAL A 118 2.60 -1.20 -13.88
N LEU A 119 1.43 -1.82 -13.92
CA LEU A 119 1.25 -3.24 -13.51
C LEU A 119 2.03 -4.16 -14.43
N ARG A 120 2.14 -3.79 -15.71
CA ARG A 120 2.93 -4.57 -16.69
C ARG A 120 4.42 -4.50 -16.35
N ALA A 121 4.95 -3.31 -16.08
CA ALA A 121 6.36 -3.17 -15.63
C ALA A 121 6.56 -3.97 -14.32
N MET A 122 5.58 -3.95 -13.43
CA MET A 122 5.70 -4.69 -12.13
C MET A 122 5.74 -6.22 -12.40
N ALA A 123 4.94 -6.70 -13.38
CA ALA A 123 4.82 -8.15 -13.71
C ALA A 123 6.07 -8.61 -14.46
N GLY A 124 6.76 -7.70 -15.11
CA GLY A 124 7.99 -8.02 -15.85
C GLY A 124 9.25 -7.76 -15.06
N ALA A 125 9.18 -7.42 -13.78
CA ALA A 125 10.38 -7.24 -12.94
C ALA A 125 11.17 -8.55 -12.92
N ASP A 126 12.47 -8.40 -12.84
CA ASP A 126 13.41 -9.51 -12.57
C ASP A 126 13.16 -9.99 -11.12
N VAL A 127 12.45 -11.08 -11.01
CA VAL A 127 11.97 -11.62 -9.72
C VAL A 127 13.15 -12.24 -8.96
N GLU A 128 14.14 -12.79 -9.67
CA GLU A 128 15.36 -13.34 -9.02
C GLU A 128 16.09 -12.21 -8.28
N LYS A 129 16.19 -11.02 -8.84
CA LYS A 129 16.79 -9.86 -8.15
C LYS A 129 15.86 -9.39 -7.02
N LEU A 130 14.57 -9.21 -7.29
CA LEU A 130 13.61 -8.69 -6.30
C LEU A 130 13.62 -9.61 -5.07
N ARG A 131 13.81 -10.91 -5.25
CA ARG A 131 13.63 -11.89 -4.14
C ARG A 131 14.79 -11.82 -3.17
N LEU A 132 15.85 -11.14 -3.53
CA LEU A 132 16.96 -10.95 -2.60
C LEU A 132 16.64 -9.80 -1.65
N VAL A 133 15.65 -8.94 -1.92
CA VAL A 133 15.48 -7.67 -1.19
C VAL A 133 14.11 -7.65 -0.56
N LEU A 134 13.09 -8.02 -1.33
CA LEU A 134 11.70 -7.84 -0.89
C LEU A 134 11.23 -9.08 -0.15
N PRO A 135 10.19 -8.94 0.68
CA PRO A 135 9.37 -10.07 1.09
C PRO A 135 8.85 -10.85 -0.10
N VAL A 136 8.66 -12.15 0.09
CA VAL A 136 8.12 -13.08 -0.93
C VAL A 136 6.81 -13.64 -0.36
N ALA A 137 5.75 -13.60 -1.15
CA ALA A 137 4.44 -14.12 -0.75
C ALA A 137 4.65 -15.50 -0.13
N ASP A 138 4.13 -15.72 1.06
CA ASP A 138 4.26 -17.07 1.69
C ASP A 138 3.00 -17.88 1.41
N ALA A 139 3.16 -19.15 1.07
CA ALA A 139 2.05 -20.10 0.80
C ALA A 139 1.14 -20.26 2.03
N GLY A 140 1.66 -20.03 3.24
CA GLY A 140 0.94 -20.16 4.51
C GLY A 140 0.17 -18.93 4.88
N ARG A 141 0.29 -17.84 4.12
CA ARG A 141 -0.18 -16.52 4.59
C ARG A 141 -1.66 -16.53 4.99
N TRP A 142 -2.51 -17.09 4.13
CA TRP A 142 -3.98 -16.99 4.30
C TRP A 142 -4.46 -18.00 5.35
N ARG A 143 -3.79 -19.14 5.51
CA ARG A 143 -4.07 -20.08 6.64
C ARG A 143 -3.88 -19.38 7.97
N GLY A 144 -2.76 -18.67 8.09
CA GLY A 144 -2.49 -17.91 9.32
C GLY A 144 -3.43 -16.77 9.50
N PHE A 145 -3.71 -16.04 8.44
CA PHE A 145 -4.67 -14.92 8.56
C PHE A 145 -6.05 -15.47 9.03
N ALA A 146 -6.48 -16.59 8.46
CA ALA A 146 -7.79 -17.22 8.81
C ALA A 146 -7.81 -17.53 10.33
N GLY A 147 -6.73 -18.12 10.81
CA GLY A 147 -6.55 -18.47 12.23
C GLY A 147 -6.72 -17.27 13.11
N ARG A 148 -6.13 -16.12 12.77
CA ARG A 148 -6.25 -14.94 13.60
C ARG A 148 -7.64 -14.32 13.47
N VAL A 149 -8.25 -14.45 12.29
CA VAL A 149 -9.61 -13.86 12.12
C VAL A 149 -10.54 -14.70 13.04
N ARG A 150 -10.43 -16.01 13.04
CA ARG A 150 -11.36 -16.88 13.86
C ARG A 150 -11.16 -16.64 15.36
N ALA A 151 -9.94 -16.38 15.80
CA ALA A 151 -9.54 -16.09 17.21
C ALA A 151 -9.98 -14.70 17.66
N THR A 152 -9.81 -13.68 16.84
CA THR A 152 -10.03 -12.30 17.28
C THR A 152 -11.43 -11.84 16.89
N LEU A 153 -11.93 -12.21 15.70
CA LEU A 153 -13.11 -11.45 15.16
C LEU A 153 -14.37 -12.33 15.24
N PHE A 154 -14.25 -13.62 15.08
CA PHE A 154 -15.42 -14.53 14.97
C PHE A 154 -16.36 -14.38 16.16
N PRO A 155 -15.86 -14.28 17.41
CA PRO A 155 -16.72 -14.02 18.57
C PRO A 155 -17.56 -12.74 18.47
N LEU A 156 -17.15 -11.75 17.68
CA LEU A 156 -17.91 -10.46 17.61
C LEU A 156 -18.97 -10.52 16.51
N MET A 157 -18.99 -11.60 15.72
CA MET A 157 -19.83 -11.70 14.49
C MET A 157 -21.18 -12.38 14.80
N SER A 158 -22.17 -12.22 13.93
CA SER A 158 -23.36 -13.08 13.94
C SER A 158 -22.94 -14.44 13.38
N GLU A 159 -23.81 -15.43 13.48
CA GLU A 159 -23.57 -16.77 12.88
C GLU A 159 -23.51 -16.62 11.35
N ASP A 160 -24.35 -15.79 10.75
CA ASP A 160 -24.30 -15.45 9.30
C ASP A 160 -22.94 -14.78 8.98
N GLY A 161 -22.48 -13.86 9.85
CA GLY A 161 -21.13 -13.26 9.73
C GLY A 161 -20.07 -14.33 9.61
N ARG A 162 -20.10 -15.31 10.52
CA ARG A 162 -19.04 -16.34 10.54
C ARG A 162 -19.14 -17.17 9.26
N ALA A 163 -20.36 -17.46 8.80
CA ALA A 163 -20.55 -18.28 7.58
C ALA A 163 -19.95 -17.52 6.39
N ARG A 164 -20.26 -16.24 6.26
CA ARG A 164 -19.71 -15.37 5.18
C ARG A 164 -18.18 -15.30 5.27
N ALA A 165 -17.64 -15.06 6.46
CA ALA A 165 -16.19 -14.93 6.69
C ALA A 165 -15.50 -16.26 6.37
N GLU A 166 -16.06 -17.40 6.76
CA GLU A 166 -15.45 -18.70 6.42
C GLU A 166 -15.33 -18.87 4.89
N ARG A 167 -16.35 -18.48 4.12
CA ARG A 167 -16.29 -18.63 2.62
C ARG A 167 -15.24 -17.66 2.04
N GLU A 168 -15.17 -16.41 2.51
CA GLU A 168 -14.14 -15.42 2.08
C GLU A 168 -12.74 -15.91 2.46
N LEU A 169 -12.51 -16.37 3.69
CA LEU A 169 -11.20 -16.90 4.10
C LEU A 169 -10.84 -18.07 3.23
N ALA A 170 -11.83 -18.95 3.01
CA ALA A 170 -11.61 -20.20 2.25
C ALA A 170 -11.19 -19.85 0.80
N ALA A 171 -11.81 -18.88 0.14
CA ALA A 171 -11.46 -18.53 -1.26
C ALA A 171 -9.98 -18.09 -1.31
N ALA A 172 -9.48 -17.42 -0.28
CA ALA A 172 -8.07 -16.98 -0.21
C ALA A 172 -7.19 -18.20 0.10
N VAL A 173 -7.57 -19.02 1.07
CA VAL A 173 -6.75 -20.22 1.45
C VAL A 173 -6.68 -21.13 0.24
N ALA A 174 -7.73 -21.20 -0.56
CA ALA A 174 -7.74 -22.12 -1.71
C ALA A 174 -6.73 -21.70 -2.80
N MET A 175 -6.32 -20.43 -2.86
CA MET A 175 -5.49 -19.96 -4.03
C MET A 175 -4.17 -20.71 -4.01
N ASP A 176 -3.71 -21.13 -5.17
CA ASP A 176 -2.33 -21.65 -5.27
C ASP A 176 -1.36 -20.45 -5.17
N HIS A 177 -0.17 -20.75 -4.70
CA HIS A 177 0.91 -19.79 -4.41
C HIS A 177 1.41 -19.22 -5.74
N VAL A 178 1.37 -17.91 -5.90
CA VAL A 178 1.87 -17.20 -7.10
C VAL A 178 2.90 -16.16 -6.61
N ALA A 179 4.10 -16.19 -7.13
CA ALA A 179 5.12 -15.17 -6.80
C ALA A 179 5.91 -14.86 -8.08
N THR A 180 5.35 -14.03 -8.94
CA THR A 180 5.83 -13.92 -10.33
C THR A 180 6.19 -12.48 -10.67
N GLY A 181 5.93 -11.54 -9.79
CA GLY A 181 6.37 -10.16 -10.04
C GLY A 181 6.28 -9.29 -8.81
N LEU A 182 6.62 -8.03 -9.01
CA LEU A 182 6.48 -6.99 -8.00
C LEU A 182 4.99 -6.79 -7.75
N VAL A 183 4.64 -6.76 -6.50
CA VAL A 183 3.29 -6.41 -6.01
C VAL A 183 3.43 -5.27 -4.99
N HIS A 184 2.65 -4.22 -5.14
CA HIS A 184 2.62 -3.09 -4.19
C HIS A 184 1.99 -3.54 -2.85
N GLY A 185 0.85 -4.25 -2.93
CA GLY A 185 0.22 -4.89 -1.77
C GLY A 185 -0.88 -4.06 -1.16
N ASP A 186 -0.93 -2.78 -1.47
CA ASP A 186 -2.00 -1.88 -0.96
C ASP A 186 -2.31 -0.82 -2.04
N LEU A 187 -2.60 -1.25 -3.28
CA LEU A 187 -2.69 -0.34 -4.45
C LEU A 187 -4.11 0.23 -4.59
N GLY A 188 -4.64 0.75 -3.50
CA GLY A 188 -5.85 1.56 -3.45
C GLY A 188 -5.55 2.97 -3.92
N GLY A 189 -6.62 3.72 -4.13
CA GLY A 189 -6.58 5.05 -4.77
C GLY A 189 -5.71 6.03 -4.01
N GLU A 190 -5.75 6.00 -2.68
CA GLU A 190 -5.02 6.95 -1.80
C GLU A 190 -3.50 6.79 -1.99
N ASN A 191 -2.99 5.67 -2.50
CA ASN A 191 -1.52 5.50 -2.62
C ASN A 191 -1.04 5.83 -4.04
N VAL A 192 -1.96 6.19 -4.90
CA VAL A 192 -1.67 6.43 -6.35
C VAL A 192 -1.95 7.90 -6.63
N LEU A 193 -0.93 8.63 -7.11
CA LEU A 193 -0.98 10.09 -7.29
C LEU A 193 -0.97 10.43 -8.78
N TRP A 194 -1.84 11.36 -9.14
CA TRP A 194 -2.16 11.80 -10.51
C TRP A 194 -1.98 13.32 -10.63
N GLN A 195 -1.69 13.77 -11.83
CA GLN A 195 -1.72 15.19 -12.20
C GLN A 195 -2.47 15.32 -13.52
N GLN A 196 -3.13 16.44 -13.73
CA GLN A 196 -3.73 16.82 -15.02
C GLN A 196 -2.57 17.28 -15.88
N VAL A 197 -2.16 16.51 -16.86
CA VAL A 197 -1.03 16.84 -17.77
C VAL A 197 -1.69 17.12 -19.14
N GLU A 198 -1.76 18.41 -19.51
CA GLU A 198 -2.49 18.91 -20.70
C GLU A 198 -3.88 18.32 -20.76
N GLU A 199 -4.60 18.47 -19.65
CA GLU A 199 -6.07 18.26 -19.52
C GLU A 199 -6.45 16.78 -19.57
N LEU A 200 -5.48 15.89 -19.40
CA LEU A 200 -5.77 14.44 -19.17
C LEU A 200 -5.01 13.92 -17.95
N PRO A 201 -5.61 13.00 -17.17
CA PRO A 201 -4.92 12.42 -16.01
C PRO A 201 -3.65 11.70 -16.45
N ARG A 202 -2.61 11.90 -15.67
CA ARG A 202 -1.35 11.15 -15.78
C ARG A 202 -1.03 10.58 -14.39
N LEU A 203 -0.65 9.31 -14.33
CA LEU A 203 -0.30 8.66 -13.04
C LEU A 203 1.17 9.03 -12.80
N THR A 204 1.45 9.93 -11.85
CA THR A 204 2.83 10.47 -11.69
C THR A 204 3.60 9.79 -10.55
N GLY A 205 2.93 9.23 -9.54
CA GLY A 205 3.61 8.70 -8.36
C GLY A 205 2.81 7.59 -7.70
N ILE A 206 3.53 6.67 -7.06
CA ILE A 206 2.94 5.65 -6.17
C ILE A 206 3.75 5.69 -4.86
N VAL A 207 3.03 5.78 -3.76
CA VAL A 207 3.66 5.95 -2.42
C VAL A 207 3.22 4.74 -1.58
N ASP A 208 3.79 4.65 -0.39
CA ASP A 208 3.43 3.64 0.62
C ASP A 208 3.68 2.23 0.11
N TRP A 209 4.95 1.90 -0.07
CA TRP A 209 5.49 0.59 -0.49
C TRP A 209 5.77 -0.35 0.67
N ASP A 210 5.12 -0.11 1.80
CA ASP A 210 5.30 -0.89 3.04
C ASP A 210 4.93 -2.36 2.81
N GLU A 211 3.89 -2.65 2.02
CA GLU A 211 3.39 -4.05 1.84
C GLU A 211 4.05 -4.66 0.59
N ALA A 212 5.14 -4.07 0.08
CA ALA A 212 5.67 -4.43 -1.25
C ALA A 212 6.23 -5.84 -1.18
N LYS A 213 6.10 -6.65 -2.24
CA LYS A 213 6.59 -8.04 -2.21
C LYS A 213 6.71 -8.59 -3.63
N VAL A 214 7.40 -9.72 -3.74
CA VAL A 214 7.29 -10.63 -4.90
C VAL A 214 6.06 -11.49 -4.66
N GLY A 215 5.09 -11.39 -5.53
CA GLY A 215 3.79 -12.00 -5.23
C GLY A 215 2.92 -12.17 -6.45
N ASP A 216 1.63 -12.05 -6.21
CA ASP A 216 0.57 -12.33 -7.18
C ASP A 216 0.03 -11.01 -7.72
N PRO A 217 0.14 -10.74 -9.04
CA PRO A 217 -0.39 -9.50 -9.61
C PRO A 217 -1.89 -9.31 -9.41
N ALA A 218 -2.60 -10.43 -9.14
CA ALA A 218 -4.04 -10.33 -8.87
C ALA A 218 -4.30 -9.48 -7.64
N GLU A 219 -3.36 -9.45 -6.68
CA GLU A 219 -3.61 -8.71 -5.40
C GLU A 219 -3.65 -7.20 -5.67
N ASP A 220 -2.81 -6.66 -6.56
CA ASP A 220 -2.91 -5.21 -6.90
C ASP A 220 -4.18 -4.96 -7.75
N LEU A 221 -4.53 -5.85 -8.67
CA LEU A 221 -5.78 -5.62 -9.46
C LEU A 221 -6.97 -5.60 -8.53
N ALA A 222 -6.96 -6.45 -7.50
CA ALA A 222 -8.05 -6.45 -6.51
C ALA A 222 -8.18 -5.10 -5.85
N ALA A 223 -7.07 -4.51 -5.46
CA ALA A 223 -7.09 -3.22 -4.74
C ALA A 223 -7.60 -2.13 -5.69
N VAL A 224 -7.17 -2.17 -6.95
CA VAL A 224 -7.67 -1.15 -7.94
C VAL A 224 -9.18 -1.24 -8.08
N GLY A 225 -9.68 -2.46 -8.19
CA GLY A 225 -11.13 -2.71 -8.25
C GLY A 225 -11.83 -2.23 -6.99
N ALA A 226 -11.28 -2.46 -5.79
CA ALA A 226 -11.96 -1.97 -4.56
C ALA A 226 -12.00 -0.45 -4.63
N SER A 227 -11.00 0.25 -5.15
CA SER A 227 -11.10 1.73 -5.11
C SER A 227 -12.01 2.26 -6.24
N TYR A 228 -12.04 1.61 -7.41
CA TYR A 228 -12.57 2.27 -8.63
C TYR A 228 -13.71 1.48 -9.30
N GLY A 229 -13.97 0.24 -8.92
CA GLY A 229 -15.15 -0.48 -9.40
C GLY A 229 -14.78 -1.37 -10.58
N PRO A 230 -15.66 -2.31 -10.94
CA PRO A 230 -15.35 -3.27 -12.00
C PRO A 230 -15.25 -2.63 -13.42
N GLU A 231 -15.89 -1.50 -13.70
CA GLU A 231 -15.80 -0.85 -15.04
C GLU A 231 -14.30 -0.55 -15.28
N LEU A 232 -13.60 0.10 -14.33
CA LEU A 232 -12.15 0.35 -14.49
C LEU A 232 -11.37 -0.96 -14.54
N VAL A 233 -11.54 -1.88 -13.56
CA VAL A 233 -10.58 -2.99 -13.49
C VAL A 233 -10.79 -3.88 -14.73
N GLU A 234 -12.01 -4.03 -15.23
CA GLU A 234 -12.24 -4.83 -16.48
C GLU A 234 -11.40 -4.28 -17.62
N ARG A 235 -11.32 -2.95 -17.75
CA ARG A 235 -10.52 -2.32 -18.85
C ARG A 235 -9.04 -2.57 -18.61
N VAL A 236 -8.59 -2.53 -17.34
CA VAL A 236 -7.16 -2.72 -17.04
C VAL A 236 -6.85 -4.15 -17.40
N VAL A 237 -7.71 -5.07 -16.96
CA VAL A 237 -7.50 -6.54 -17.17
C VAL A 237 -7.57 -6.82 -18.69
N ALA A 238 -8.48 -6.18 -19.44
CA ALA A 238 -8.55 -6.35 -20.92
C ALA A 238 -7.20 -5.98 -21.58
N LEU A 239 -6.69 -4.80 -21.32
CA LEU A 239 -5.34 -4.32 -21.76
C LEU A 239 -4.24 -5.31 -21.35
N LEU A 240 -4.24 -5.85 -20.12
CA LEU A 240 -3.10 -6.70 -19.68
C LEU A 240 -3.32 -8.11 -20.24
N GLY A 241 -4.51 -8.46 -20.71
CA GLY A 241 -4.76 -9.87 -21.10
C GLY A 241 -4.80 -10.76 -19.85
N ALA A 242 -5.36 -10.24 -18.75
CA ALA A 242 -5.25 -10.87 -17.41
C ALA A 242 -6.59 -11.51 -17.02
N GLY A 243 -7.43 -11.83 -18.01
CA GLY A 243 -8.76 -12.43 -17.80
C GLY A 243 -8.71 -13.72 -16.99
N ASP A 244 -7.61 -14.45 -17.06
CA ASP A 244 -7.41 -15.64 -16.19
C ASP A 244 -7.44 -15.29 -14.70
N LEU A 245 -7.21 -14.05 -14.28
CA LEU A 245 -6.89 -13.75 -12.86
C LEU A 245 -8.16 -13.49 -12.06
N TRP A 246 -9.32 -13.39 -12.70
CA TRP A 246 -10.57 -12.98 -12.04
C TRP A 246 -10.84 -13.78 -10.76
N PRO A 247 -10.77 -15.12 -10.74
CA PRO A 247 -11.07 -15.85 -9.49
C PRO A 247 -10.16 -15.40 -8.32
N ARG A 248 -8.86 -15.27 -8.58
CA ARG A 248 -7.86 -14.74 -7.63
C ARG A 248 -8.19 -13.32 -7.21
N ILE A 249 -8.55 -12.46 -8.16
CA ILE A 249 -8.91 -11.05 -7.88
C ILE A 249 -10.06 -11.03 -6.90
N ARG A 250 -11.10 -11.81 -7.14
CA ARG A 250 -12.28 -11.85 -6.24
C ARG A 250 -11.86 -12.45 -4.88
N ALA A 251 -10.99 -13.44 -4.81
CA ALA A 251 -10.58 -14.04 -3.53
C ALA A 251 -9.82 -12.99 -2.69
N TYR A 252 -8.91 -12.20 -3.29
CA TYR A 252 -8.26 -11.08 -2.57
C TYR A 252 -9.32 -10.13 -2.08
N GLN A 253 -10.22 -9.69 -2.98
CA GLN A 253 -11.18 -8.62 -2.61
C GLN A 253 -12.08 -9.09 -1.46
N GLY A 254 -12.46 -10.36 -1.42
CA GLY A 254 -13.38 -10.83 -0.35
C GLY A 254 -12.71 -10.83 1.02
N THR A 255 -11.38 -10.68 1.11
CA THR A 255 -10.62 -10.56 2.41
C THR A 255 -10.43 -9.13 2.87
N PHE A 256 -10.77 -8.11 2.09
CA PHE A 256 -10.42 -6.69 2.43
C PHE A 256 -11.10 -6.17 3.69
N ALA A 257 -12.40 -6.32 3.84
CA ALA A 257 -13.11 -5.93 5.08
C ALA A 257 -12.52 -6.68 6.30
N LEU A 258 -12.17 -7.96 6.17
CA LEU A 258 -11.65 -8.75 7.31
C LEU A 258 -10.20 -8.26 7.63
N GLN A 259 -9.38 -7.94 6.61
CA GLN A 259 -8.01 -7.35 6.82
C GLN A 259 -8.14 -6.05 7.60
N GLN A 260 -9.08 -5.20 7.21
CA GLN A 260 -9.29 -3.94 7.92
C GLN A 260 -9.72 -4.22 9.38
N ALA A 261 -10.70 -5.10 9.59
CA ALA A 261 -11.19 -5.43 10.95
C ALA A 261 -10.02 -5.93 11.81
N LEU A 262 -9.27 -6.90 11.31
CA LEU A 262 -8.21 -7.56 12.06
C LEU A 262 -7.14 -6.52 12.40
N ALA A 263 -6.79 -5.62 11.47
CA ALA A 263 -5.81 -4.54 11.73
C ALA A 263 -6.39 -3.52 12.73
N GLY A 264 -7.70 -3.25 12.69
CA GLY A 264 -8.36 -2.38 13.69
C GLY A 264 -8.22 -2.96 15.10
N ALA A 265 -8.45 -4.25 15.27
CA ALA A 265 -8.23 -4.97 16.53
C ALA A 265 -6.74 -4.85 16.93
N GLU A 266 -5.80 -5.30 16.09
CA GLU A 266 -4.34 -5.37 16.37
C GLU A 266 -3.77 -3.95 16.61
N ASP A 267 -4.17 -2.94 15.84
CA ASP A 267 -3.58 -1.58 15.93
C ASP A 267 -4.31 -0.78 17.02
N GLY A 268 -5.44 -1.25 17.54
CA GLY A 268 -6.28 -0.49 18.48
C GLY A 268 -6.97 0.70 17.85
N ASP A 269 -7.38 0.59 16.59
CA ASP A 269 -8.21 1.64 15.93
C ASP A 269 -9.66 1.13 15.98
N ASP A 270 -10.46 1.72 16.86
CA ASP A 270 -11.84 1.26 17.13
C ASP A 270 -12.67 1.47 15.85
N GLU A 271 -12.41 2.54 15.08
CA GLU A 271 -13.26 2.91 13.91
C GLU A 271 -13.01 1.93 12.75
N GLU A 272 -11.76 1.48 12.58
CA GLU A 272 -11.36 0.49 11.54
C GLU A 272 -11.97 -0.88 11.86
N LEU A 273 -11.87 -1.32 13.12
CA LEU A 273 -12.49 -2.57 13.61
C LEU A 273 -13.98 -2.50 13.32
N GLU A 274 -14.65 -1.46 13.78
CA GLU A 274 -16.12 -1.38 13.63
C GLU A 274 -16.46 -1.36 12.15
N ASP A 275 -15.72 -0.58 11.35
CA ASP A 275 -16.05 -0.41 9.91
C ASP A 275 -15.81 -1.73 9.15
N GLY A 276 -14.73 -2.44 9.43
CA GLY A 276 -14.45 -3.73 8.77
C GLY A 276 -15.46 -4.81 9.15
N LEU A 277 -16.09 -4.73 10.31
CA LEU A 277 -17.00 -5.82 10.77
C LEU A 277 -18.47 -5.58 10.38
N THR A 278 -18.87 -4.43 9.80
CA THR A 278 -20.31 -4.13 9.66
C THR A 278 -21.04 -5.20 8.83
N ALA A 279 -20.40 -5.85 7.87
CA ALA A 279 -21.02 -6.93 7.04
C ALA A 279 -21.15 -8.24 7.84
N TYR A 280 -20.52 -8.36 9.00
CA TYR A 280 -20.36 -9.65 9.70
C TYR A 280 -21.19 -9.69 10.98
N ARG A 281 -22.01 -8.67 11.21
CA ARG A 281 -22.97 -8.65 12.35
C ARG A 281 -24.11 -7.68 12.10
N LYS A 282 -25.22 -7.83 12.85
CA LYS A 282 -26.45 -6.99 12.71
C LYS A 282 -26.41 -5.76 13.63
N LEU A 283 -25.39 -5.62 14.47
CA LEU A 283 -25.25 -4.51 15.45
C LEU A 283 -23.76 -4.15 15.59
C KBE B 1 -6.50 2.73 6.01
N KBE B 1 -4.47 4.21 8.08
O KBE B 1 -5.61 2.92 5.13
CA KBE B 1 -6.02 2.51 7.45
CB KBE B 1 -4.55 2.82 7.66
CD KBE B 1 -2.72 2.39 9.43
CE KBE B 1 -3.07 2.90 10.82
CG KBE B 1 -3.96 1.85 8.71
NZ KBE B 1 -1.96 3.66 11.35
N DPP B 2 -7.62 -0.41 4.99
CA DPP B 2 -8.86 0.34 4.91
C DPP B 2 -9.72 -0.20 3.77
O DPP B 2 -10.43 0.66 3.20
CB DPP B 2 -8.60 1.85 4.76
NG DPP B 2 -7.73 2.41 5.80
C UAL B 3 -10.23 -1.93 1.02
N UAL B 3 -9.93 -1.45 3.44
O UAL B 3 -10.87 -2.61 0.15
C1 UAL B 3 -13.95 -2.41 3.99
N1 UAL B 3 -12.62 -2.16 3.76
N2 UAL B 3 -14.70 -2.96 3.08
O2 UAL B 3 -14.49 -2.06 5.06
CA UAL B 3 -10.76 -1.84 2.40
CB UAL B 3 -12.06 -2.19 2.56
CA MYN B 4 -8.01 -2.27 -0.38
N MYN B 4 -8.95 -2.16 0.78
C MYN B 4 -6.85 -3.18 -0.06
CB MYN B 4 -7.60 -0.91 -1.01
CG MYN B 4 -8.76 -0.02 -1.38
CD MYN B 4 -8.98 1.08 -0.35
NE MYN B 4 -7.71 1.62 0.12
CZ MYN B 4 -6.58 0.96 0.07
N1 MYN B 4 -6.50 -0.30 -0.29
NZ MYN B 4 -5.46 1.57 0.43
O MYN B 4 -5.97 -3.46 -0.93
N DPP B 5 -3.66 -5.27 2.26
CA DPP B 5 -4.60 -4.18 2.01
C DPP B 5 -4.79 -3.33 3.29
O DPP B 5 -4.83 -3.85 4.38
CB DPP B 5 -5.92 -4.77 1.52
NG DPP B 5 -6.91 -3.76 1.14
N ALA B 6 -5.02 -2.03 3.16
CA ALA B 6 -5.45 -1.23 4.29
C ALA B 6 -6.79 -0.64 3.95
#